data_1K1F
#
_entry.id   1K1F
#
_cell.length_a   35.988
_cell.length_b   121.173
_cell.length_c   60.432
_cell.angle_alpha   90.00
_cell.angle_beta   93.03
_cell.angle_gamma   90.00
#
_symmetry.space_group_name_H-M   'P 1 21 1'
#
loop_
_entity.id
_entity.type
_entity.pdbx_description
1 polymer 'BREAKPOINT CLUSTER REGION PROTEIN'
2 water water
#
_entity_poly.entity_id   1
_entity_poly.type   'polypeptide(L)'
_entity_poly.pdbx_seq_one_letter_code
;(MSE)VDPVGFAEAWKAQFPDSEPPR(MSE)ELRSVGDIEQELERAKASIRRLEQEVNQERFR(MSE)IYLQTLLAKEKK
SYDR
;
_entity_poly.pdbx_strand_id   A,B,C,D,E,F,G,H
#
# COMPACT_ATOMS: atom_id res chain seq x y z
N MSE A 1 -19.44 12.52 -25.17
CA MSE A 1 -18.98 11.34 -24.38
C MSE A 1 -20.05 10.26 -24.37
O MSE A 1 -19.95 9.29 -25.12
CB MSE A 1 -18.64 11.74 -22.95
CG MSE A 1 -19.76 12.50 -22.24
SE MSE A 1 -19.38 12.80 -20.39
CE MSE A 1 -19.71 11.00 -19.75
N VAL A 2 -21.06 10.44 -23.51
CA VAL A 2 -22.18 9.51 -23.36
C VAL A 2 -23.19 10.11 -22.37
N ASP A 3 -24.48 10.01 -22.71
CA ASP A 3 -25.54 10.51 -21.84
C ASP A 3 -25.95 9.40 -20.86
N PRO A 4 -27.02 9.61 -20.08
CA PRO A 4 -27.45 8.57 -19.14
C PRO A 4 -28.01 7.33 -19.84
N VAL A 5 -28.52 7.53 -21.05
CA VAL A 5 -29.07 6.43 -21.83
C VAL A 5 -27.95 5.62 -22.45
N GLY A 6 -26.99 6.30 -23.07
CA GLY A 6 -25.85 5.61 -23.66
C GLY A 6 -25.05 4.92 -22.56
N PHE A 7 -25.00 5.54 -21.39
CA PHE A 7 -24.31 4.96 -20.24
C PHE A 7 -24.98 3.66 -19.81
N ALA A 8 -26.31 3.69 -19.74
CA ALA A 8 -27.08 2.52 -19.33
C ALA A 8 -26.98 1.42 -20.37
N GLU A 9 -26.85 1.82 -21.64
CA GLU A 9 -26.69 0.82 -22.72
C GLU A 9 -25.33 0.15 -22.68
N ALA A 10 -24.30 0.92 -22.35
CA ALA A 10 -22.94 0.39 -22.29
C ALA A 10 -22.84 -0.49 -21.06
N TRP A 11 -23.69 -0.22 -20.08
CA TRP A 11 -23.67 -1.01 -18.86
C TRP A 11 -24.25 -2.39 -19.11
N LYS A 12 -25.40 -2.43 -19.77
CA LYS A 12 -26.09 -3.69 -20.08
C LYS A 12 -25.27 -4.51 -21.07
N ALA A 13 -24.64 -3.85 -22.03
CA ALA A 13 -23.82 -4.55 -23.01
C ALA A 13 -22.67 -5.25 -22.31
N GLN A 14 -22.06 -4.58 -21.34
CA GLN A 14 -20.92 -5.15 -20.62
C GLN A 14 -21.34 -6.13 -19.52
N PHE A 15 -22.34 -5.74 -18.74
CA PHE A 15 -22.82 -6.57 -17.64
C PHE A 15 -24.28 -6.91 -17.95
N PRO A 16 -24.50 -7.77 -18.97
CA PRO A 16 -25.85 -8.16 -19.36
C PRO A 16 -26.72 -8.74 -18.23
N ASP A 17 -26.10 -8.99 -17.08
CA ASP A 17 -26.82 -9.55 -15.94
C ASP A 17 -27.19 -8.53 -14.88
N SER A 18 -26.67 -7.31 -15.01
CA SER A 18 -26.94 -6.29 -14.02
C SER A 18 -27.76 -5.11 -14.51
N GLU A 19 -28.54 -4.57 -13.57
CA GLU A 19 -29.40 -3.43 -13.83
C GLU A 19 -28.58 -2.16 -13.60
N PRO A 20 -28.60 -1.23 -14.56
CA PRO A 20 -27.83 0.01 -14.43
C PRO A 20 -28.18 0.85 -13.21
N PRO A 21 -27.16 1.33 -12.48
CA PRO A 21 -27.34 2.16 -11.29
C PRO A 21 -28.04 3.48 -11.60
N ARG A 22 -28.90 3.90 -10.68
CA ARG A 22 -29.66 5.13 -10.82
C ARG A 22 -29.15 6.18 -9.85
N MSE A 23 -28.09 6.87 -10.26
CA MSE A 23 -27.46 7.90 -9.45
C MSE A 23 -28.10 9.26 -9.66
O MSE A 23 -28.74 9.52 -10.70
CB MSE A 23 -25.99 8.02 -9.80
CG MSE A 23 -25.28 6.70 -9.80
SE MSE A 23 -23.50 6.99 -10.44
CE MSE A 23 -23.72 6.56 -12.32
N GLU A 24 -27.94 10.12 -8.66
CA GLU A 24 -28.45 11.48 -8.73
C GLU A 24 -27.22 12.28 -9.13
N LEU A 25 -27.31 12.93 -10.30
CA LEU A 25 -26.19 13.71 -10.82
C LEU A 25 -26.69 15.10 -11.23
N ARG A 26 -27.17 15.84 -10.24
CA ARG A 26 -27.72 17.18 -10.46
C ARG A 26 -26.68 18.27 -10.45
N SER A 27 -25.58 18.00 -9.75
CA SER A 27 -24.52 18.98 -9.62
C SER A 27 -23.14 18.32 -9.63
N VAL A 28 -22.12 19.12 -9.84
CA VAL A 28 -20.74 18.64 -9.85
C VAL A 28 -20.47 17.94 -8.53
N GLY A 29 -21.03 18.50 -7.45
CA GLY A 29 -20.85 17.90 -6.15
C GLY A 29 -21.39 16.48 -6.13
N ASP A 30 -22.55 16.28 -6.77
CA ASP A 30 -23.16 14.95 -6.81
C ASP A 30 -22.19 13.95 -7.44
N ILE A 31 -21.56 14.35 -8.54
CA ILE A 31 -20.61 13.53 -9.24
C ILE A 31 -19.41 13.14 -8.37
N GLU A 32 -18.83 14.12 -7.68
CA GLU A 32 -17.65 13.84 -6.82
C GLU A 32 -17.88 12.85 -5.66
N GLN A 33 -18.95 13.03 -4.90
CA GLN A 33 -19.16 12.08 -3.81
C GLN A 33 -19.61 10.73 -4.35
N GLU A 34 -20.16 10.73 -5.55
CA GLU A 34 -20.60 9.50 -6.20
C GLU A 34 -19.31 8.79 -6.64
N LEU A 35 -18.34 9.61 -7.02
CA LEU A 35 -17.04 9.14 -7.47
C LEU A 35 -16.23 8.68 -6.26
N GLU A 36 -16.52 9.27 -5.10
CA GLU A 36 -15.85 8.91 -3.84
C GLU A 36 -16.42 7.59 -3.34
N ARG A 37 -17.73 7.43 -3.41
CA ARG A 37 -18.37 6.19 -2.97
C ARG A 37 -17.91 5.00 -3.81
N ALA A 38 -17.58 5.24 -5.07
CA ALA A 38 -17.14 4.16 -5.95
C ALA A 38 -15.72 3.76 -5.59
N LYS A 39 -14.84 4.76 -5.55
CA LYS A 39 -13.43 4.57 -5.20
C LYS A 39 -13.28 3.76 -3.92
N ALA A 40 -13.98 4.17 -2.88
CA ALA A 40 -13.94 3.46 -1.60
C ALA A 40 -14.45 2.05 -1.78
N SER A 41 -15.47 1.93 -2.62
CA SER A 41 -16.11 0.65 -2.92
C SER A 41 -15.20 -0.29 -3.68
N ILE A 42 -14.45 0.23 -4.63
CA ILE A 42 -13.53 -0.61 -5.39
C ILE A 42 -12.50 -1.23 -4.42
N ARG A 43 -12.09 -0.48 -3.41
CA ARG A 43 -11.11 -0.97 -2.42
C ARG A 43 -11.69 -2.06 -1.53
N ARG A 44 -12.97 -1.91 -1.19
CA ARG A 44 -13.66 -2.87 -0.35
C ARG A 44 -13.79 -4.20 -1.07
N LEU A 45 -14.11 -4.12 -2.37
CA LEU A 45 -14.30 -5.29 -3.23
C LEU A 45 -13.01 -5.99 -3.66
N GLU A 46 -11.96 -5.22 -3.92
CA GLU A 46 -10.67 -5.80 -4.32
C GLU A 46 -10.08 -6.61 -3.17
N GLN A 47 -10.31 -6.17 -1.95
CA GLN A 47 -9.79 -6.91 -0.81
C GLN A 47 -10.61 -8.18 -0.64
N GLU A 48 -11.93 -8.04 -0.75
CA GLU A 48 -12.80 -9.21 -0.65
C GLU A 48 -12.43 -10.21 -1.74
N VAL A 49 -12.13 -9.72 -2.94
CA VAL A 49 -11.77 -10.62 -4.04
C VAL A 49 -10.50 -11.38 -3.68
N ASN A 50 -9.60 -10.69 -2.98
CA ASN A 50 -8.35 -11.30 -2.56
C ASN A 50 -8.51 -12.28 -1.41
N GLN A 51 -9.46 -12.02 -0.52
CA GLN A 51 -9.71 -12.94 0.60
C GLN A 51 -10.37 -14.23 0.13
N GLU A 52 -11.21 -14.14 -0.91
CA GLU A 52 -11.87 -15.32 -1.44
C GLU A 52 -10.92 -16.17 -2.27
N ARG A 53 -10.12 -15.55 -3.13
CA ARG A 53 -9.13 -16.27 -3.93
C ARG A 53 -8.15 -17.01 -3.00
N PHE A 54 -7.94 -16.43 -1.83
CA PHE A 54 -7.06 -17.04 -0.83
C PHE A 54 -7.79 -18.26 -0.25
N ARG A 55 -9.11 -18.16 -0.09
CA ARG A 55 -9.91 -19.27 0.41
C ARG A 55 -9.80 -20.36 -0.63
N MSE A 56 -9.99 -19.95 -1.87
CA MSE A 56 -9.91 -20.82 -3.03
C MSE A 56 -8.69 -21.72 -3.02
O MSE A 56 -8.81 -22.93 -2.90
CB MSE A 56 -9.86 -19.97 -4.30
CG MSE A 56 -11.14 -19.81 -5.07
SE MSE A 56 -10.73 -20.42 -6.86
CE MSE A 56 -9.97 -18.85 -7.66
N ILE A 57 -7.50 -21.13 -3.17
CA ILE A 57 -6.26 -21.90 -3.19
C ILE A 57 -6.12 -22.86 -2.03
N TYR A 58 -6.37 -22.36 -0.82
CA TYR A 58 -6.29 -23.20 0.37
C TYR A 58 -7.26 -24.38 0.27
N LEU A 59 -8.46 -24.10 -0.22
CA LEU A 59 -9.46 -25.14 -0.34
C LEU A 59 -9.11 -26.16 -1.41
N GLN A 60 -8.67 -25.73 -2.60
CA GLN A 60 -8.30 -26.74 -3.58
C GLN A 60 -7.06 -27.52 -3.14
N THR A 61 -6.17 -26.86 -2.40
CA THR A 61 -4.98 -27.52 -1.86
C THR A 61 -5.45 -28.64 -0.92
N LEU A 62 -6.52 -28.39 -0.16
CA LEU A 62 -7.03 -29.40 0.77
C LEU A 62 -7.63 -30.65 0.13
N LEU A 63 -8.60 -30.49 -0.78
CA LEU A 63 -9.19 -31.69 -1.38
C LEU A 63 -8.17 -32.46 -2.21
N ALA A 64 -7.08 -31.80 -2.58
CA ALA A 64 -6.04 -32.46 -3.34
C ALA A 64 -5.33 -33.45 -2.42
N LYS A 65 -5.00 -33.04 -1.20
CA LYS A 65 -4.31 -33.90 -0.24
C LYS A 65 -5.27 -34.87 0.46
N GLU A 66 -6.45 -35.02 -0.13
CA GLU A 66 -7.47 -35.92 0.38
C GLU A 66 -8.23 -36.49 -0.81
N LYS A 67 -7.77 -36.15 -2.00
CA LYS A 67 -8.38 -36.58 -3.24
C LYS A 67 -7.96 -38.02 -3.54
N MSE B 1 -4.01 -32.36 13.34
CA MSE B 1 -4.86 -33.15 12.43
C MSE B 1 -5.05 -32.35 11.13
O MSE B 1 -4.07 -31.94 10.49
CB MSE B 1 -6.21 -33.43 13.08
CG MSE B 1 -6.89 -34.70 12.62
SE MSE B 1 -5.95 -36.29 13.22
CE MSE B 1 -4.69 -36.48 11.75
N VAL B 2 -6.31 -32.13 10.75
CA VAL B 2 -6.62 -31.37 9.54
C VAL B 2 -6.65 -29.91 9.99
N ASP B 3 -5.78 -29.58 10.95
CA ASP B 3 -5.70 -28.25 11.53
C ASP B 3 -4.92 -27.17 10.78
N PRO B 4 -5.43 -25.94 10.80
CA PRO B 4 -4.85 -24.77 10.13
C PRO B 4 -4.29 -23.76 11.15
N VAL B 5 -3.00 -23.46 11.06
CA VAL B 5 -2.39 -22.49 11.94
C VAL B 5 -1.75 -21.54 10.94
N GLY B 6 -1.17 -22.13 9.91
CA GLY B 6 -0.54 -21.35 8.87
C GLY B 6 -1.55 -20.60 8.03
N PHE B 7 -2.70 -21.23 7.75
CA PHE B 7 -3.72 -20.58 6.94
C PHE B 7 -4.27 -19.46 7.81
N ALA B 8 -4.64 -19.80 9.04
CA ALA B 8 -5.16 -18.82 9.98
C ALA B 8 -4.22 -17.63 10.03
N GLU B 9 -2.99 -17.87 10.48
CA GLU B 9 -1.99 -16.80 10.59
C GLU B 9 -1.79 -16.07 9.27
N ALA B 10 -1.79 -16.81 8.16
CA ALA B 10 -1.61 -16.22 6.84
C ALA B 10 -2.78 -15.29 6.53
N TRP B 11 -3.97 -15.69 6.96
CA TRP B 11 -5.18 -14.91 6.76
C TRP B 11 -5.00 -13.56 7.44
N LYS B 12 -4.59 -13.60 8.71
CA LYS B 12 -4.37 -12.39 9.49
C LYS B 12 -3.14 -11.62 9.00
N ALA B 13 -2.24 -12.32 8.31
CA ALA B 13 -1.02 -11.70 7.78
C ALA B 13 -1.26 -10.96 6.47
N GLN B 14 -2.50 -10.98 6.00
CA GLN B 14 -2.85 -10.30 4.76
C GLN B 14 -3.99 -9.34 5.01
N PHE B 15 -5.03 -9.86 5.66
CA PHE B 15 -6.22 -9.07 5.95
C PHE B 15 -6.50 -8.97 7.44
N PRO B 16 -5.73 -8.13 8.15
CA PRO B 16 -5.90 -7.93 9.61
C PRO B 16 -7.17 -7.16 9.94
N ASP B 17 -8.21 -7.33 9.12
CA ASP B 17 -9.46 -6.61 9.35
C ASP B 17 -10.71 -7.40 8.95
N SER B 18 -10.73 -8.69 9.26
CA SER B 18 -11.87 -9.54 8.93
C SER B 18 -11.92 -10.78 9.82
N GLU B 19 -13.04 -11.49 9.77
CA GLU B 19 -13.23 -12.68 10.58
C GLU B 19 -12.54 -13.90 9.98
N PRO B 20 -12.09 -14.83 10.83
CA PRO B 20 -11.41 -16.03 10.33
C PRO B 20 -12.47 -16.89 9.66
N PRO B 21 -12.24 -17.31 8.41
CA PRO B 21 -13.24 -18.15 7.75
C PRO B 21 -13.78 -19.26 8.66
N ARG B 22 -15.10 -19.43 8.61
CA ARG B 22 -15.76 -20.47 9.39
C ARG B 22 -16.38 -21.43 8.40
N MSE B 23 -15.59 -22.41 8.02
CA MSE B 23 -16.03 -23.39 7.05
C MSE B 23 -16.20 -24.76 7.70
O MSE B 23 -15.34 -25.21 8.46
CB MSE B 23 -15.02 -23.43 5.90
CG MSE B 23 -14.69 -22.02 5.41
SE MSE B 23 -13.26 -21.86 4.15
CE MSE B 23 -11.87 -22.67 5.21
N GLU B 24 -17.34 -25.38 7.40
CA GLU B 24 -17.65 -26.69 7.96
C GLU B 24 -16.77 -27.78 7.37
N LEU B 25 -15.47 -27.56 7.42
CA LEU B 25 -14.51 -28.52 6.91
C LEU B 25 -14.41 -29.72 7.83
N ARG B 26 -14.86 -30.85 7.33
CA ARG B 26 -14.78 -32.11 8.03
C ARG B 26 -14.54 -33.05 6.89
N SER B 27 -15.56 -33.08 6.04
CA SER B 27 -15.65 -33.93 4.89
C SER B 27 -15.05 -33.40 3.59
N VAL B 28 -14.87 -34.33 2.66
CA VAL B 28 -14.37 -34.00 1.34
C VAL B 28 -15.58 -33.23 0.77
N GLY B 29 -16.77 -33.71 1.12
CA GLY B 29 -18.02 -33.10 0.66
C GLY B 29 -18.16 -31.66 1.08
N ASP B 30 -17.68 -31.33 2.27
CA ASP B 30 -17.77 -29.95 2.78
C ASP B 30 -16.72 -29.05 2.13
N ILE B 31 -15.53 -29.59 1.94
CA ILE B 31 -14.47 -28.83 1.28
C ILE B 31 -14.99 -28.42 -0.10
N GLU B 32 -15.42 -29.39 -0.91
CA GLU B 32 -15.97 -29.11 -2.25
C GLU B 32 -17.03 -28.02 -2.19
N GLN B 33 -18.04 -28.21 -1.34
CA GLN B 33 -19.13 -27.25 -1.19
C GLN B 33 -18.60 -25.85 -0.93
N GLU B 34 -17.67 -25.74 0.01
CA GLU B 34 -17.08 -24.45 0.32
C GLU B 34 -16.23 -23.88 -0.83
N LEU B 35 -15.51 -24.76 -1.53
CA LEU B 35 -14.67 -24.32 -2.63
C LEU B 35 -15.58 -23.74 -3.70
N GLU B 36 -16.78 -24.29 -3.77
CA GLU B 36 -17.77 -23.90 -4.74
C GLU B 36 -18.42 -22.55 -4.39
N ARG B 37 -18.68 -22.26 -3.12
CA ARG B 37 -19.28 -20.97 -2.83
C ARG B 37 -18.25 -19.87 -2.78
N ALA B 38 -16.98 -20.25 -2.74
CA ALA B 38 -15.89 -19.28 -2.73
C ALA B 38 -15.70 -18.81 -4.18
N LYS B 39 -15.82 -19.74 -5.14
CA LYS B 39 -15.69 -19.43 -6.56
C LYS B 39 -16.90 -18.65 -7.02
N ALA B 40 -18.04 -18.87 -6.37
CA ALA B 40 -19.28 -18.17 -6.71
C ALA B 40 -19.18 -16.73 -6.27
N SER B 41 -18.53 -16.52 -5.13
CA SER B 41 -18.34 -15.18 -4.61
C SER B 41 -17.32 -14.44 -5.47
N ILE B 42 -16.21 -15.11 -5.78
CA ILE B 42 -15.18 -14.47 -6.61
C ILE B 42 -15.75 -13.96 -7.93
N ARG B 43 -16.36 -14.86 -8.70
CA ARG B 43 -16.90 -14.46 -9.98
C ARG B 43 -17.90 -13.32 -9.82
N ARG B 44 -18.50 -13.21 -8.63
CA ARG B 44 -19.49 -12.16 -8.38
C ARG B 44 -18.85 -10.85 -7.97
N LEU B 45 -17.90 -10.93 -7.05
CA LEU B 45 -17.21 -9.74 -6.58
C LEU B 45 -16.36 -9.17 -7.71
N GLU B 46 -15.89 -10.05 -8.59
CA GLU B 46 -15.05 -9.61 -9.71
C GLU B 46 -15.84 -8.77 -10.68
N GLN B 47 -17.08 -9.17 -10.96
CA GLN B 47 -17.91 -8.42 -11.89
C GLN B 47 -18.37 -7.11 -11.25
N GLU B 48 -18.54 -7.12 -9.94
CA GLU B 48 -18.94 -5.90 -9.27
C GLU B 48 -17.80 -4.90 -9.23
N VAL B 49 -16.55 -5.37 -9.24
CA VAL B 49 -15.43 -4.41 -9.22
C VAL B 49 -15.35 -3.78 -10.61
N ASN B 50 -15.64 -4.58 -11.63
CA ASN B 50 -15.61 -4.11 -13.02
C ASN B 50 -16.71 -3.09 -13.25
N GLN B 51 -17.86 -3.37 -12.65
CA GLN B 51 -19.01 -2.49 -12.77
C GLN B 51 -18.67 -1.16 -12.12
N GLU B 52 -17.96 -1.21 -10.99
CA GLU B 52 -17.58 0.00 -10.26
C GLU B 52 -16.56 0.81 -11.09
N ARG B 53 -15.60 0.08 -11.64
CA ARG B 53 -14.56 0.69 -12.48
C ARG B 53 -15.22 1.40 -13.67
N PHE B 54 -16.26 0.78 -14.21
CA PHE B 54 -16.98 1.34 -15.34
C PHE B 54 -17.67 2.62 -14.89
N ARG B 55 -18.31 2.56 -13.74
CA ARG B 55 -19.00 3.72 -13.18
C ARG B 55 -18.01 4.84 -12.91
N MSE B 56 -16.83 4.51 -12.37
CA MSE B 56 -15.80 5.51 -12.07
C MSE B 56 -15.34 6.16 -13.38
O MSE B 56 -15.21 7.39 -13.50
CB MSE B 56 -14.61 4.86 -11.39
CG MSE B 56 -13.44 5.80 -11.15
SE MSE B 56 -12.12 5.04 -9.96
CE MSE B 56 -13.29 4.83 -8.46
N ILE B 57 -15.05 5.32 -14.36
CA ILE B 57 -14.64 5.88 -15.64
C ILE B 57 -15.71 6.87 -16.06
N TYR B 58 -16.97 6.46 -16.19
CA TYR B 58 -18.08 7.36 -16.57
C TYR B 58 -18.22 8.65 -15.75
N LEU B 59 -18.17 8.53 -14.43
CA LEU B 59 -18.30 9.69 -13.56
C LEU B 59 -17.10 10.63 -13.72
N GLN B 60 -15.93 10.07 -14.01
CA GLN B 60 -14.75 10.91 -14.16
C GLN B 60 -14.80 11.86 -15.37
N THR B 61 -15.27 11.38 -16.52
CA THR B 61 -15.33 12.29 -17.67
C THR B 61 -16.55 13.18 -17.56
N LEU B 62 -17.60 12.71 -16.90
CA LEU B 62 -18.76 13.55 -16.72
C LEU B 62 -18.20 14.75 -15.94
N LEU B 63 -17.40 14.45 -14.91
CA LEU B 63 -16.77 15.49 -14.09
C LEU B 63 -15.98 16.39 -15.00
N ALA B 64 -15.12 15.78 -15.79
CA ALA B 64 -14.28 16.50 -16.74
C ALA B 64 -14.94 17.77 -17.29
N LYS B 65 -15.74 17.61 -18.34
CA LYS B 65 -16.42 18.75 -18.98
C LYS B 65 -17.20 19.69 -18.07
N GLU B 66 -17.60 19.23 -16.89
CA GLU B 66 -18.42 20.04 -16.00
C GLU B 66 -17.58 20.70 -14.92
N LYS B 67 -16.27 20.77 -15.07
CA LYS B 67 -15.40 21.39 -14.08
C LYS B 67 -14.41 22.36 -14.71
N MSE C 1 -18.90 7.04 -24.57
CA MSE C 1 -18.20 5.78 -24.15
C MSE C 1 -17.47 6.07 -22.95
O MSE C 1 -16.87 5.17 -22.34
CB MSE C 1 -17.43 5.19 -25.30
CG MSE C 1 -16.35 6.10 -25.89
SE MSE C 1 -15.56 5.37 -27.31
CE MSE C 1 -16.77 4.41 -28.21
N VAL C 2 -17.60 7.29 -22.61
CA VAL C 2 -16.85 7.75 -21.54
C VAL C 2 -15.38 7.60 -21.99
N ASP C 3 -14.83 8.71 -22.51
CA ASP C 3 -13.44 8.81 -23.09
C ASP C 3 -12.30 9.31 -22.06
N PRO C 4 -11.22 10.10 -22.62
CA PRO C 4 -9.80 10.54 -21.98
C PRO C 4 -9.75 10.89 -20.48
N VAL C 5 -8.88 12.19 -20.77
CA VAL C 5 -8.80 12.66 -19.38
C VAL C 5 -9.50 11.82 -18.31
N GLY C 6 -10.77 11.48 -18.52
CA GLY C 6 -11.50 10.69 -17.54
C GLY C 6 -10.86 9.38 -17.12
N PHE C 7 -10.22 8.70 -18.07
CA PHE C 7 -9.55 7.43 -17.82
C PHE C 7 -8.38 7.60 -16.84
N ALA C 8 -7.44 8.48 -17.17
CA ALA C 8 -6.28 8.71 -16.33
C ALA C 8 -6.66 9.15 -14.92
N GLU C 9 -7.56 10.13 -14.82
CA GLU C 9 -7.98 10.62 -13.51
C GLU C 9 -8.55 9.48 -12.70
N ALA C 10 -8.86 8.36 -13.36
CA ALA C 10 -9.36 7.18 -12.68
C ALA C 10 -8.13 6.35 -12.32
N TRP C 11 -7.15 6.37 -13.21
CA TRP C 11 -5.89 5.65 -13.02
C TRP C 11 -5.12 6.24 -11.85
N LYS C 12 -4.78 7.52 -11.96
CA LYS C 12 -4.04 8.18 -10.89
C LYS C 12 -4.77 8.08 -9.56
N ALA C 13 -6.10 8.18 -9.63
CA ALA C 13 -6.96 8.11 -8.46
C ALA C 13 -6.96 6.72 -7.83
N GLN C 14 -7.34 5.71 -8.61
CA GLN C 14 -7.38 4.35 -8.10
C GLN C 14 -5.99 3.78 -7.79
N PHE C 15 -5.00 4.07 -8.63
CA PHE C 15 -3.63 3.58 -8.42
C PHE C 15 -2.65 4.74 -8.48
N PRO C 16 -1.80 4.90 -7.45
CA PRO C 16 -0.83 5.99 -7.47
C PRO C 16 0.59 5.61 -7.88
N ASP C 17 1.08 4.45 -7.43
CA ASP C 17 2.42 3.99 -7.80
C ASP C 17 2.56 3.96 -9.33
N SER C 18 1.50 4.36 -10.02
CA SER C 18 1.53 4.30 -11.47
C SER C 18 1.16 5.52 -12.29
N GLU C 19 1.95 5.74 -13.32
CA GLU C 19 1.73 6.80 -14.29
C GLU C 19 0.99 5.94 -15.30
N PRO C 20 -0.14 6.42 -15.85
CA PRO C 20 -0.91 5.61 -16.80
C PRO C 20 -0.21 5.12 -18.07
N PRO C 21 -0.76 4.07 -18.67
CA PRO C 21 -0.23 3.49 -19.89
C PRO C 21 -0.71 4.42 -21.00
N ARG C 22 0.19 4.90 -21.83
CA ARG C 22 -0.21 5.80 -22.90
C ARG C 22 -0.36 4.88 -24.08
N MSE C 23 -1.48 4.17 -24.09
CA MSE C 23 -1.78 3.23 -25.16
C MSE C 23 -1.94 3.91 -26.48
O MSE C 23 -2.07 5.14 -26.56
CB MSE C 23 -3.08 2.48 -24.86
CG MSE C 23 -3.15 1.82 -23.52
SE MSE C 23 -4.92 1.14 -23.28
CE MSE C 23 -5.49 2.39 -21.95
N GLU C 24 -1.97 3.10 -27.52
CA GLU C 24 -2.15 3.59 -28.86
C GLU C 24 -3.53 3.09 -29.30
N LEU C 25 -4.48 4.02 -29.43
CA LEU C 25 -5.85 3.67 -29.81
C LEU C 25 -6.30 4.54 -30.97
N ARG C 26 -5.75 4.28 -32.16
CA ARG C 26 -6.11 5.05 -33.33
C ARG C 26 -7.12 4.30 -34.20
N SER C 27 -7.61 3.17 -33.70
CA SER C 27 -8.59 2.38 -34.45
C SER C 27 -9.13 1.20 -33.63
N VAL C 28 -10.13 0.53 -34.20
CA VAL C 28 -10.76 -0.62 -33.56
C VAL C 28 -9.75 -1.73 -33.29
N GLY C 29 -8.78 -1.87 -34.18
CA GLY C 29 -7.77 -2.89 -34.05
C GLY C 29 -6.79 -2.69 -32.92
N ASP C 30 -6.37 -1.44 -32.73
CA ASP C 30 -5.44 -1.10 -31.65
C ASP C 30 -6.10 -1.39 -30.32
N ILE C 31 -7.42 -1.16 -30.25
CA ILE C 31 -8.18 -1.39 -29.04
C ILE C 31 -8.33 -2.89 -28.76
N GLU C 32 -8.67 -3.64 -29.81
CA GLU C 32 -8.81 -5.09 -29.68
C GLU C 32 -7.49 -5.73 -29.27
N GLN C 33 -6.39 -5.28 -29.87
CA GLN C 33 -5.06 -5.81 -29.56
C GLN C 33 -4.73 -5.58 -28.10
N GLU C 34 -4.88 -4.33 -27.68
CA GLU C 34 -4.61 -3.94 -26.30
C GLU C 34 -5.53 -4.74 -25.37
N LEU C 35 -6.77 -4.93 -25.79
CA LEU C 35 -7.73 -5.68 -24.99
C LEU C 35 -7.18 -7.10 -24.88
N GLU C 36 -6.75 -7.64 -26.01
CA GLU C 36 -6.18 -8.98 -26.09
C GLU C 36 -4.98 -9.09 -25.15
N ARG C 37 -4.10 -8.08 -25.19
CA ARG C 37 -2.92 -8.05 -24.32
C ARG C 37 -3.32 -8.06 -22.85
N ALA C 38 -4.31 -7.23 -22.51
CA ALA C 38 -4.81 -7.13 -21.14
C ALA C 38 -5.27 -8.50 -20.65
N LYS C 39 -6.27 -9.07 -21.31
CA LYS C 39 -6.80 -10.39 -20.94
C LYS C 39 -5.69 -11.38 -20.69
N ALA C 40 -4.73 -11.41 -21.62
CA ALA C 40 -3.60 -12.32 -21.55
C ALA C 40 -2.78 -12.13 -20.28
N SER C 41 -2.52 -10.88 -19.93
CA SER C 41 -1.75 -10.56 -18.73
C SER C 41 -2.57 -10.87 -17.49
N ILE C 42 -3.85 -10.55 -17.51
CA ILE C 42 -4.70 -10.85 -16.36
C ILE C 42 -4.57 -12.34 -16.04
N ARG C 43 -4.61 -13.16 -17.09
CA ARG C 43 -4.53 -14.61 -16.97
C ARG C 43 -3.21 -15.11 -16.37
N ARG C 44 -2.10 -14.57 -16.86
CA ARG C 44 -0.78 -14.94 -16.37
C ARG C 44 -0.64 -14.50 -14.91
N LEU C 45 -1.05 -13.26 -14.64
CA LEU C 45 -0.99 -12.68 -13.30
C LEU C 45 -1.72 -13.52 -12.23
N GLU C 46 -2.99 -13.82 -12.49
CA GLU C 46 -3.79 -14.58 -11.55
C GLU C 46 -3.12 -15.91 -11.25
N GLN C 47 -2.48 -16.44 -12.28
CA GLN C 47 -1.77 -17.71 -12.15
C GLN C 47 -0.57 -17.52 -11.23
N GLU C 48 0.07 -16.36 -11.32
CA GLU C 48 1.23 -16.04 -10.50
C GLU C 48 0.87 -15.73 -9.06
N VAL C 49 -0.17 -14.94 -8.85
CA VAL C 49 -0.55 -14.63 -7.47
C VAL C 49 -0.91 -15.96 -6.81
N ASN C 50 -1.79 -16.74 -7.45
CA ASN C 50 -2.23 -18.03 -6.92
C ASN C 50 -1.07 -18.91 -6.47
N GLN C 51 -0.04 -19.03 -7.30
CA GLN C 51 1.14 -19.83 -6.96
C GLN C 51 1.86 -19.26 -5.72
N GLU C 52 1.91 -17.93 -5.63
CA GLU C 52 2.55 -17.25 -4.51
C GLU C 52 1.68 -17.48 -3.26
N ARG C 53 0.37 -17.44 -3.44
CA ARG C 53 -0.55 -17.66 -2.32
C ARG C 53 -0.37 -19.08 -1.83
N PHE C 54 -0.11 -19.99 -2.76
CA PHE C 54 0.11 -21.40 -2.42
C PHE C 54 1.40 -21.55 -1.61
N ARG C 55 2.50 -20.98 -2.10
CA ARG C 55 3.75 -21.12 -1.36
C ARG C 55 3.65 -20.41 -0.01
N MSE C 56 2.86 -19.33 0.07
CA MSE C 56 2.70 -18.62 1.34
C MSE C 56 2.00 -19.50 2.37
O MSE C 56 2.28 -19.42 3.56
CB MSE C 56 1.89 -17.33 1.16
CG MSE C 56 1.70 -16.61 2.50
SE MSE C 56 0.87 -14.85 2.49
CE MSE C 56 2.12 -13.99 1.32
N ILE C 57 1.06 -20.32 1.92
CA ILE C 57 0.34 -21.23 2.82
C ILE C 57 1.33 -22.28 3.30
N TYR C 58 2.12 -22.81 2.36
CA TYR C 58 3.11 -23.84 2.68
C TYR C 58 4.08 -23.27 3.69
N LEU C 59 4.77 -22.20 3.28
CA LEU C 59 5.77 -21.55 4.13
C LEU C 59 5.27 -21.20 5.52
N GLN C 60 4.03 -20.73 5.61
CA GLN C 60 3.45 -20.34 6.90
C GLN C 60 3.21 -21.54 7.81
N THR C 61 2.93 -22.68 7.19
CA THR C 61 2.69 -23.90 7.92
C THR C 61 4.04 -24.45 8.39
N LEU C 62 5.03 -24.42 7.49
CA LEU C 62 6.38 -24.88 7.83
C LEU C 62 6.85 -24.08 9.03
N LEU C 63 6.90 -22.76 8.86
CA LEU C 63 7.33 -21.85 9.91
C LEU C 63 6.73 -22.27 11.24
N ALA C 64 5.43 -22.00 11.40
CA ALA C 64 4.72 -22.36 12.64
C ALA C 64 5.12 -23.65 13.36
N LYS C 65 5.81 -24.59 12.72
CA LYS C 65 6.14 -25.80 13.46
C LYS C 65 7.58 -25.97 13.92
N GLU C 66 8.51 -25.18 13.37
CA GLU C 66 9.93 -25.25 13.76
C GLU C 66 10.46 -23.87 14.13
N LYS C 67 9.55 -23.01 14.56
CA LYS C 67 9.99 -21.65 14.85
C LYS C 67 9.36 -21.05 16.11
N MSE D 1 -0.27 -32.37 8.90
CA MSE D 1 0.15 -31.39 7.85
C MSE D 1 1.07 -32.06 6.83
O MSE D 1 1.84 -32.95 7.17
CB MSE D 1 0.88 -30.21 8.49
CG MSE D 1 2.36 -30.46 8.74
SE MSE D 1 3.48 -29.11 7.91
CE MSE D 1 2.43 -28.83 6.30
N VAL D 2 0.99 -31.59 5.58
CA VAL D 2 1.79 -32.13 4.48
C VAL D 2 3.30 -31.82 4.52
N ASP D 3 4.06 -32.48 3.66
CA ASP D 3 5.50 -32.29 3.55
C ASP D 3 5.86 -32.50 2.06
N PRO D 4 7.16 -32.45 1.67
CA PRO D 4 7.54 -32.64 0.26
C PRO D 4 6.55 -33.30 -0.69
N VAL D 5 6.38 -34.61 -0.56
CA VAL D 5 5.41 -35.32 -1.39
C VAL D 5 4.06 -34.86 -0.84
N GLY D 6 3.16 -34.49 -1.74
CA GLY D 6 1.88 -33.99 -1.28
C GLY D 6 1.89 -32.52 -1.67
N PHE D 7 2.94 -31.83 -1.25
CA PHE D 7 3.11 -30.42 -1.58
C PHE D 7 3.24 -30.37 -3.10
N ALA D 8 4.02 -31.30 -3.65
CA ALA D 8 4.25 -31.39 -5.09
C ALA D 8 3.00 -31.79 -5.85
N GLU D 9 2.22 -32.71 -5.26
CA GLU D 9 0.98 -33.18 -5.88
C GLU D 9 -0.05 -32.05 -5.86
N ALA D 10 -0.07 -31.30 -4.77
CA ALA D 10 -0.99 -30.20 -4.63
C ALA D 10 -0.65 -29.11 -5.63
N TRP D 11 0.64 -28.86 -5.86
CA TRP D 11 1.07 -27.84 -6.82
C TRP D 11 0.76 -28.27 -8.25
N LYS D 12 1.11 -29.50 -8.58
CA LYS D 12 0.85 -30.02 -9.91
C LYS D 12 -0.65 -30.06 -10.17
N ALA D 13 -1.43 -30.30 -9.12
CA ALA D 13 -2.88 -30.36 -9.25
C ALA D 13 -3.50 -29.01 -9.55
N GLN D 14 -2.85 -27.93 -9.13
CA GLN D 14 -3.42 -26.61 -9.39
C GLN D 14 -2.74 -25.86 -10.50
N PHE D 15 -1.47 -26.17 -10.72
CA PHE D 15 -0.65 -25.54 -11.74
C PHE D 15 -0.01 -26.64 -12.59
N PRO D 16 -0.80 -27.22 -13.51
CA PRO D 16 -0.38 -28.30 -14.42
C PRO D 16 0.94 -28.09 -15.16
N ASP D 17 1.14 -26.86 -15.64
CA ASP D 17 2.31 -26.51 -16.43
C ASP D 17 3.57 -26.04 -15.70
N SER D 18 3.41 -25.36 -14.58
CA SER D 18 4.56 -24.85 -13.84
C SER D 18 5.21 -25.92 -12.95
N GLU D 19 6.54 -25.91 -12.92
CA GLU D 19 7.29 -26.86 -12.10
C GLU D 19 7.26 -26.40 -10.65
N PRO D 20 7.04 -27.34 -9.71
CA PRO D 20 7.02 -26.94 -8.30
C PRO D 20 8.28 -26.20 -7.88
N PRO D 21 8.13 -25.19 -7.00
CA PRO D 21 9.27 -24.40 -6.52
C PRO D 21 10.33 -25.26 -5.85
N ARG D 22 11.59 -25.03 -6.23
CA ARG D 22 12.69 -25.76 -5.64
C ARG D 22 13.39 -24.80 -4.66
N MSE D 23 12.67 -24.47 -3.59
CA MSE D 23 13.15 -23.55 -2.56
C MSE D 23 14.13 -24.21 -1.58
O MSE D 23 13.92 -25.34 -1.13
CB MSE D 23 11.97 -23.03 -1.72
CG MSE D 23 10.93 -22.24 -2.47
SE MSE D 23 9.60 -21.54 -1.26
CE MSE D 23 8.53 -23.14 -1.00
N GLU D 24 15.20 -23.49 -1.26
CA GLU D 24 16.19 -24.00 -0.33
C GLU D 24 15.76 -23.60 1.09
N LEU D 25 15.15 -24.53 1.80
CA LEU D 25 14.67 -24.30 3.15
C LEU D 25 15.51 -25.14 4.14
N ARG D 26 16.42 -24.47 4.85
CA ARG D 26 17.28 -25.16 5.81
C ARG D 26 17.17 -24.63 7.24
N SER D 27 16.42 -23.56 7.45
CA SER D 27 16.28 -23.00 8.80
C SER D 27 15.12 -22.04 8.85
N VAL D 28 14.85 -21.53 10.05
CA VAL D 28 13.79 -20.56 10.25
C VAL D 28 14.02 -19.35 9.34
N GLY D 29 15.21 -18.75 9.40
CA GLY D 29 15.49 -17.60 8.55
C GLY D 29 15.12 -17.78 7.09
N ASP D 30 15.42 -18.97 6.54
CA ASP D 30 15.08 -19.29 5.14
C ASP D 30 13.57 -19.25 4.95
N ILE D 31 12.81 -19.74 5.91
CA ILE D 31 11.34 -19.70 5.83
C ILE D 31 10.88 -18.26 5.87
N GLU D 32 11.44 -17.47 6.79
CA GLU D 32 11.03 -16.06 6.90
C GLU D 32 11.40 -15.21 5.68
N GLN D 33 12.59 -15.41 5.12
CA GLN D 33 12.97 -14.66 3.93
C GLN D 33 12.12 -15.06 2.72
N GLU D 34 11.79 -16.33 2.60
CA GLU D 34 10.96 -16.75 1.46
C GLU D 34 9.54 -16.20 1.63
N LEU D 35 9.00 -16.38 2.83
CA LEU D 35 7.68 -15.91 3.18
C LEU D 35 7.59 -14.39 2.90
N GLU D 36 8.66 -13.67 3.27
CA GLU D 36 8.74 -12.21 3.06
C GLU D 36 8.69 -11.91 1.57
N ARG D 37 9.44 -12.70 0.80
CA ARG D 37 9.51 -12.53 -0.64
C ARG D 37 8.17 -12.87 -1.28
N ALA D 38 7.42 -13.75 -0.64
CA ALA D 38 6.12 -14.13 -1.15
C ALA D 38 5.05 -13.07 -0.87
N LYS D 39 5.09 -12.46 0.32
CA LYS D 39 4.09 -11.43 0.66
C LYS D 39 4.26 -10.19 -0.20
N ALA D 40 5.49 -9.91 -0.62
CA ALA D 40 5.80 -8.74 -1.43
C ALA D 40 5.44 -9.01 -2.88
N SER D 41 5.59 -10.25 -3.28
CA SER D 41 5.27 -10.60 -4.64
C SER D 41 3.78 -10.66 -4.85
N ILE D 42 3.03 -10.96 -3.79
CA ILE D 42 1.58 -11.08 -3.87
C ILE D 42 0.91 -9.72 -4.01
N ARG D 43 1.40 -8.76 -3.23
CA ARG D 43 0.88 -7.40 -3.25
C ARG D 43 1.22 -6.73 -4.57
N ARG D 44 2.42 -7.01 -5.07
CA ARG D 44 2.89 -6.45 -6.33
C ARG D 44 2.04 -6.98 -7.48
N LEU D 45 1.88 -8.29 -7.52
CA LEU D 45 1.10 -8.92 -8.59
C LEU D 45 -0.35 -8.48 -8.52
N GLU D 46 -0.92 -8.42 -7.33
CA GLU D 46 -2.31 -7.99 -7.21
C GLU D 46 -2.46 -6.56 -7.72
N GLN D 47 -1.42 -5.75 -7.51
CA GLN D 47 -1.40 -4.35 -7.98
C GLN D 47 -1.54 -4.33 -9.50
N GLU D 48 -0.75 -5.15 -10.17
CA GLU D 48 -0.78 -5.24 -11.64
C GLU D 48 -2.10 -5.83 -12.13
N VAL D 49 -2.65 -6.78 -11.37
CA VAL D 49 -3.91 -7.41 -11.73
C VAL D 49 -4.99 -6.36 -11.82
N ASN D 50 -5.00 -5.46 -10.83
CA ASN D 50 -5.98 -4.39 -10.77
C ASN D 50 -5.73 -3.34 -11.84
N GLN D 51 -4.46 -3.14 -12.20
CA GLN D 51 -4.12 -2.17 -13.23
C GLN D 51 -4.55 -2.69 -14.60
N GLU D 52 -4.29 -3.97 -14.85
CA GLU D 52 -4.67 -4.59 -16.11
C GLU D 52 -6.19 -4.73 -16.27
N ARG D 53 -6.91 -4.97 -15.17
CA ARG D 53 -8.36 -5.11 -15.24
C ARG D 53 -8.98 -3.77 -15.55
N PHE D 54 -8.39 -2.72 -15.01
CA PHE D 54 -8.85 -1.38 -15.28
C PHE D 54 -8.62 -1.07 -16.76
N ARG D 55 -7.48 -1.45 -17.31
CA ARG D 55 -7.20 -1.23 -18.74
C ARG D 55 -8.31 -1.88 -19.55
N MSE D 56 -8.51 -3.17 -19.29
CA MSE D 56 -9.52 -4.01 -19.94
C MSE D 56 -10.92 -3.40 -19.97
O MSE D 56 -11.50 -3.23 -21.05
CB MSE D 56 -9.57 -5.37 -19.21
CG MSE D 56 -10.53 -6.40 -19.79
SE MSE D 56 -10.52 -8.06 -18.76
CE MSE D 56 -12.37 -8.11 -18.20
N ILE D 57 -11.46 -3.08 -18.80
CA ILE D 57 -12.79 -2.50 -18.71
C ILE D 57 -12.87 -1.22 -19.53
N TYR D 58 -11.86 -0.37 -19.38
CA TYR D 58 -11.81 0.89 -20.10
C TYR D 58 -11.83 0.64 -21.61
N LEU D 59 -10.97 -0.28 -22.04
CA LEU D 59 -10.88 -0.60 -23.45
C LEU D 59 -12.19 -1.12 -23.95
N GLN D 60 -12.74 -2.12 -23.26
CA GLN D 60 -14.02 -2.67 -23.71
C GLN D 60 -15.17 -1.68 -23.51
N THR D 61 -14.90 -0.57 -22.82
CA THR D 61 -15.91 0.46 -22.60
C THR D 61 -16.06 1.21 -23.93
N LEU D 62 -14.93 1.58 -24.52
CA LEU D 62 -14.89 2.30 -25.79
C LEU D 62 -15.60 1.47 -26.88
N LEU D 63 -15.55 0.15 -26.72
CA LEU D 63 -16.19 -0.72 -27.70
C LEU D 63 -17.71 -0.74 -27.47
N ALA D 64 -18.20 0.12 -26.60
CA ALA D 64 -19.63 0.17 -26.27
C ALA D 64 -20.56 1.02 -27.16
N LYS D 65 -20.29 2.32 -27.21
CA LYS D 65 -21.09 3.27 -27.99
C LYS D 65 -20.31 3.84 -29.17
N GLU D 66 -19.00 3.59 -29.17
CA GLU D 66 -18.14 4.07 -30.24
C GLU D 66 -18.44 3.28 -31.51
N ASP E 3 -13.73 19.39 19.76
CA ASP E 3 -12.63 18.53 20.27
C ASP E 3 -12.47 17.25 19.44
N PRO E 4 -11.43 16.45 19.73
CA PRO E 4 -11.18 15.19 19.00
C PRO E 4 -12.40 14.44 18.49
N VAL E 5 -12.76 14.72 17.23
CA VAL E 5 -13.88 14.08 16.55
C VAL E 5 -13.49 13.98 15.08
N GLY E 6 -13.03 15.10 14.53
CA GLY E 6 -12.59 15.13 13.15
C GLY E 6 -11.17 14.62 13.12
N PHE E 7 -10.48 14.78 14.25
CA PHE E 7 -9.11 14.32 14.41
C PHE E 7 -9.16 12.80 14.45
N ALA E 8 -9.98 12.28 15.36
CA ALA E 8 -10.16 10.84 15.51
C ALA E 8 -10.53 10.17 14.19
N GLU E 9 -11.10 10.94 13.26
CA GLU E 9 -11.50 10.40 11.96
C GLU E 9 -10.33 10.32 11.00
N ALA E 10 -9.71 11.47 10.71
CA ALA E 10 -8.56 11.50 9.80
C ALA E 10 -7.52 10.52 10.33
N TRP E 11 -7.55 10.27 11.64
CA TRP E 11 -6.63 9.35 12.27
C TRP E 11 -6.95 7.93 11.80
N LYS E 12 -8.13 7.45 12.21
CA LYS E 12 -8.57 6.10 11.84
C LYS E 12 -8.63 5.97 10.32
N ALA E 13 -8.56 7.11 9.63
CA ALA E 13 -8.57 7.13 8.17
C ALA E 13 -7.15 6.83 7.70
N GLN E 14 -6.24 7.75 8.00
CA GLN E 14 -4.84 7.59 7.62
C GLN E 14 -4.32 6.23 8.05
N PHE E 15 -4.43 5.95 9.35
CA PHE E 15 -3.98 4.68 9.89
C PHE E 15 -5.26 3.91 10.25
N PRO E 16 -5.81 3.15 9.30
CA PRO E 16 -7.03 2.39 9.55
C PRO E 16 -6.84 1.26 10.57
N ASP E 17 -5.59 0.83 10.68
CA ASP E 17 -5.17 -0.24 11.57
C ASP E 17 -4.62 0.30 12.89
N SER E 18 -5.39 1.05 13.65
CA SER E 18 -4.84 1.58 14.89
C SER E 18 -5.83 1.74 16.03
N GLU E 19 -5.38 2.49 17.03
CA GLU E 19 -6.17 2.79 18.20
C GLU E 19 -6.07 4.27 18.42
N PRO E 20 -7.10 5.02 18.00
CA PRO E 20 -7.13 6.47 18.16
C PRO E 20 -6.47 6.93 19.45
N PRO E 21 -5.70 8.02 19.40
CA PRO E 21 -5.00 8.55 20.56
C PRO E 21 -5.90 9.32 21.53
N ARG E 22 -6.19 8.69 22.67
CA ARG E 22 -7.01 9.32 23.70
C ARG E 22 -6.06 10.35 24.32
N MSE E 23 -6.45 11.62 24.39
CA MSE E 23 -5.56 12.62 24.96
C MSE E 23 -6.14 13.61 25.98
O MSE E 23 -7.36 13.87 26.00
CB MSE E 23 -4.86 13.42 23.86
CG MSE E 23 -3.79 12.65 23.12
SE MSE E 23 -2.71 13.84 22.05
CE MSE E 23 -3.89 14.10 20.54
N GLU E 24 -5.26 14.14 26.83
CA GLU E 24 -5.60 15.11 27.86
C GLU E 24 -5.44 16.48 27.21
N LEU E 25 -6.56 17.10 26.85
CA LEU E 25 -6.48 18.39 26.20
C LEU E 25 -7.33 19.41 26.96
N ARG E 26 -7.32 19.33 28.29
CA ARG E 26 -8.07 20.25 29.13
C ARG E 26 -7.63 21.68 28.86
N SER E 27 -6.37 21.95 29.18
CA SER E 27 -5.80 23.28 29.01
C SER E 27 -4.66 23.32 28.00
N VAL E 28 -4.22 24.54 27.71
CA VAL E 28 -3.12 24.74 26.78
C VAL E 28 -1.87 24.05 27.32
N GLY E 29 -1.70 24.04 28.65
CA GLY E 29 -0.56 23.39 29.25
C GLY E 29 -0.60 21.89 28.97
N ASP E 30 -1.81 21.35 28.82
CA ASP E 30 -1.96 19.94 28.54
C ASP E 30 -1.67 19.68 27.07
N ILE E 31 -1.95 20.68 26.25
CA ILE E 31 -1.68 20.56 24.82
C ILE E 31 -0.17 20.70 24.62
N GLU E 32 0.41 21.71 25.26
CA GLU E 32 1.84 21.97 25.14
C GLU E 32 2.69 20.82 25.66
N GLN E 33 2.23 20.18 26.73
CA GLN E 33 2.94 19.05 27.32
C GLN E 33 2.90 17.91 26.30
N GLU E 34 1.76 17.75 25.68
CA GLU E 34 1.58 16.71 24.69
C GLU E 34 2.39 17.00 23.42
N LEU E 35 2.41 18.26 23.00
CA LEU E 35 3.15 18.64 21.82
C LEU E 35 4.67 18.41 22.04
N GLU E 36 5.14 18.65 23.24
CA GLU E 36 6.55 18.45 23.56
C GLU E 36 6.95 16.96 23.50
N ARG E 37 6.05 16.09 23.95
CA ARG E 37 6.31 14.64 23.92
C ARG E 37 6.24 14.09 22.49
N ALA E 38 5.41 14.69 21.64
CA ALA E 38 5.30 14.27 20.24
C ALA E 38 6.64 14.59 19.52
N LYS E 39 7.12 15.81 19.71
CA LYS E 39 8.39 16.26 19.11
C LYS E 39 9.58 15.49 19.66
N ALA E 40 9.57 15.21 20.96
CA ALA E 40 10.64 14.42 21.56
C ALA E 40 10.57 13.03 20.97
N SER E 41 9.36 12.52 20.81
CA SER E 41 9.20 11.20 20.22
C SER E 41 9.71 11.18 18.78
N ILE E 42 9.31 12.15 17.98
CA ILE E 42 9.75 12.18 16.58
C ILE E 42 11.28 12.22 16.43
N ARG E 43 11.94 13.01 17.27
CA ARG E 43 13.39 13.11 17.20
C ARG E 43 14.08 11.77 17.59
N ARG E 44 13.54 11.07 18.59
CA ARG E 44 14.20 9.81 18.94
C ARG E 44 13.74 8.67 18.03
N LEU E 45 12.49 8.66 17.61
CA LEU E 45 12.04 7.60 16.71
C LEU E 45 12.77 7.69 15.35
N GLU E 46 13.09 8.91 14.92
CA GLU E 46 13.78 9.07 13.65
C GLU E 46 15.19 8.49 13.73
N GLN E 47 15.87 8.66 14.86
CA GLN E 47 17.23 8.11 14.97
C GLN E 47 17.22 6.58 15.05
N GLU E 48 16.21 6.02 15.70
CA GLU E 48 16.13 4.57 15.84
C GLU E 48 15.80 3.90 14.50
N VAL E 49 14.97 4.56 13.71
CA VAL E 49 14.61 4.01 12.40
C VAL E 49 15.84 4.05 11.53
N ASN E 50 16.62 5.11 11.66
CA ASN E 50 17.86 5.27 10.90
C ASN E 50 18.82 4.15 11.23
N GLN E 51 18.93 3.86 12.53
CA GLN E 51 19.80 2.78 13.01
C GLN E 51 19.38 1.45 12.41
N GLU E 52 18.07 1.28 12.19
CA GLU E 52 17.55 0.03 11.65
C GLU E 52 17.75 -0.12 10.14
N ARG E 53 17.76 1.00 9.43
CA ARG E 53 17.99 0.95 7.97
C ARG E 53 19.46 0.63 7.75
N PHE E 54 20.31 1.21 8.58
CA PHE E 54 21.75 0.97 8.50
C PHE E 54 21.95 -0.51 8.78
N ARG E 55 21.33 -0.99 9.86
CA ARG E 55 21.42 -2.40 10.21
C ARG E 55 21.01 -3.25 9.00
N MSE E 56 19.91 -2.89 8.34
CA MSE E 56 19.42 -3.61 7.16
C MSE E 56 20.37 -3.60 5.98
O MSE E 56 20.55 -4.62 5.30
CB MSE E 56 18.07 -3.03 6.70
CG MSE E 56 17.48 -3.72 5.47
SE MSE E 56 15.70 -3.11 5.08
CE MSE E 56 14.95 -3.54 6.80
N ILE E 57 20.94 -2.44 5.68
CA ILE E 57 21.87 -2.34 4.56
C ILE E 57 23.04 -3.28 4.82
N TYR E 58 23.51 -3.32 6.06
CA TYR E 58 24.60 -4.23 6.42
C TYR E 58 24.23 -5.72 6.28
N LEU E 59 23.08 -6.07 6.83
CA LEU E 59 22.62 -7.44 6.83
C LEU E 59 22.39 -7.92 5.41
N GLN E 60 21.74 -7.07 4.59
CA GLN E 60 21.43 -7.37 3.19
C GLN E 60 22.68 -7.56 2.33
N THR E 61 23.66 -6.69 2.54
CA THR E 61 24.95 -6.70 1.85
C THR E 61 25.67 -7.97 2.28
N LEU E 62 25.66 -8.25 3.58
CA LEU E 62 26.30 -9.45 4.10
C LEU E 62 25.66 -10.74 3.53
N LEU E 63 24.34 -10.71 3.38
CA LEU E 63 23.60 -11.86 2.87
C LEU E 63 23.91 -12.12 1.40
N ALA E 64 24.20 -11.05 0.66
CA ALA E 64 24.50 -11.19 -0.77
C ALA E 64 25.87 -11.83 -0.96
N LYS E 65 26.75 -11.65 0.01
CA LYS E 65 28.09 -12.22 -0.08
C LYS E 65 28.18 -13.65 0.44
N GLU E 66 27.30 -13.99 1.38
CA GLU E 66 27.31 -15.30 1.98
C GLU E 66 26.42 -16.32 1.27
N LYS E 67 25.40 -15.85 0.57
CA LYS E 67 24.48 -16.74 -0.14
C LYS E 67 24.68 -16.72 -1.66
N MSE F 1 33.82 -5.05 2.44
CA MSE F 1 32.44 -4.47 2.57
C MSE F 1 32.23 -3.82 3.93
O MSE F 1 31.10 -3.46 4.26
CB MSE F 1 31.38 -5.57 2.41
CG MSE F 1 31.41 -6.66 3.49
SE MSE F 1 29.79 -7.74 3.62
CE MSE F 1 29.46 -7.93 1.74
N VAL F 2 33.30 -3.66 4.69
CA VAL F 2 33.23 -3.10 6.03
C VAL F 2 32.77 -4.25 6.94
N ASP F 3 33.72 -5.08 7.37
CA ASP F 3 33.40 -6.23 8.21
C ASP F 3 33.21 -5.87 9.71
N PRO F 4 33.10 -6.88 10.61
CA PRO F 4 32.90 -6.74 12.06
C PRO F 4 33.28 -5.47 12.82
N VAL F 5 34.39 -4.84 12.46
CA VAL F 5 34.78 -3.64 13.18
C VAL F 5 34.48 -2.38 12.38
N GLY F 6 34.48 -2.52 11.06
CA GLY F 6 34.16 -1.38 10.21
C GLY F 6 32.69 -1.11 10.39
N PHE F 7 31.93 -2.13 10.78
CA PHE F 7 30.51 -1.96 11.00
C PHE F 7 30.29 -1.07 12.22
N ALA F 8 30.91 -1.45 13.32
CA ALA F 8 30.78 -0.70 14.55
C ALA F 8 31.23 0.74 14.35
N GLU F 9 32.36 0.93 13.67
CA GLU F 9 32.89 2.27 13.44
C GLU F 9 32.01 3.16 12.55
N ALA F 10 31.36 2.59 11.54
CA ALA F 10 30.48 3.38 10.69
C ALA F 10 29.20 3.63 11.49
N TRP F 11 28.94 2.78 12.48
CA TRP F 11 27.76 2.97 13.32
C TRP F 11 28.02 4.17 14.24
N LYS F 12 29.16 4.17 14.91
CA LYS F 12 29.50 5.26 15.84
C LYS F 12 29.57 6.60 15.16
N ALA F 13 30.06 6.60 13.93
CA ALA F 13 30.15 7.84 13.14
C ALA F 13 28.78 8.43 12.88
N GLN F 14 27.76 7.57 12.73
CA GLN F 14 26.39 8.06 12.47
C GLN F 14 25.54 8.21 13.73
N PHE F 15 25.85 7.42 14.74
CA PHE F 15 25.07 7.48 15.96
C PHE F 15 26.00 7.45 17.18
N PRO F 16 26.68 8.57 17.44
CA PRO F 16 27.59 8.60 18.59
C PRO F 16 26.87 8.41 19.92
N ASP F 17 25.54 8.54 19.88
CA ASP F 17 24.70 8.40 21.06
C ASP F 17 24.37 6.95 21.45
N SER F 18 24.67 6.00 20.58
CA SER F 18 24.36 4.59 20.84
C SER F 18 25.48 3.61 20.55
N GLU F 19 25.39 2.43 21.15
CA GLU F 19 26.37 1.37 20.95
C GLU F 19 25.92 0.49 19.79
N PRO F 20 26.87 -0.06 19.01
CA PRO F 20 26.50 -0.93 17.89
C PRO F 20 25.69 -2.13 18.38
N PRO F 21 24.92 -2.77 17.49
CA PRO F 21 24.15 -3.94 17.94
C PRO F 21 25.04 -5.17 17.89
N ARG F 22 24.90 -6.04 18.89
CA ARG F 22 25.70 -7.27 18.95
C ARG F 22 24.80 -8.37 18.43
N MSE F 23 24.82 -8.59 17.12
CA MSE F 23 23.98 -9.60 16.50
C MSE F 23 24.63 -10.96 16.39
O MSE F 23 25.86 -11.10 16.39
CB MSE F 23 23.57 -9.17 15.10
CG MSE F 23 22.61 -8.02 15.08
SE MSE F 23 22.55 -7.31 13.32
CE MSE F 23 24.19 -6.30 13.38
N GLU F 24 23.79 -11.98 16.27
CA GLU F 24 24.27 -13.33 16.13
C GLU F 24 24.20 -13.73 14.69
N LEU F 25 25.36 -13.73 14.05
CA LEU F 25 25.45 -14.08 12.64
C LEU F 25 26.41 -15.26 12.47
N ARG F 26 25.95 -16.45 12.82
CA ARG F 26 26.78 -17.64 12.70
C ARG F 26 26.45 -18.41 11.43
N SER F 27 25.40 -17.98 10.74
CA SER F 27 24.97 -18.63 9.50
C SER F 27 24.08 -17.71 8.67
N VAL F 28 23.78 -18.14 7.45
CA VAL F 28 22.91 -17.39 6.56
C VAL F 28 21.55 -17.28 7.24
N GLY F 29 21.16 -18.37 7.90
CA GLY F 29 19.89 -18.35 8.61
C GLY F 29 19.76 -17.21 9.60
N ASP F 30 20.78 -17.04 10.44
CA ASP F 30 20.77 -15.96 11.43
C ASP F 30 20.67 -14.60 10.76
N ILE F 31 21.35 -14.43 9.64
CA ILE F 31 21.31 -13.17 8.93
C ILE F 31 19.90 -12.89 8.41
N GLU F 32 19.25 -13.91 7.84
CA GLU F 32 17.90 -13.73 7.29
C GLU F 32 16.90 -13.41 8.38
N GLN F 33 17.09 -14.01 9.55
CA GLN F 33 16.19 -13.74 10.68
C GLN F 33 16.34 -12.29 11.13
N GLU F 34 17.59 -11.83 11.28
CA GLU F 34 17.85 -10.46 11.71
C GLU F 34 17.40 -9.47 10.64
N LEU F 35 17.56 -9.86 9.38
CA LEU F 35 17.16 -8.99 8.27
C LEU F 35 15.64 -8.83 8.33
N GLU F 36 14.95 -9.91 8.70
CA GLU F 36 13.50 -9.95 8.83
C GLU F 36 13.04 -9.07 9.99
N ARG F 37 13.75 -9.17 11.11
CA ARG F 37 13.46 -8.37 12.30
C ARG F 37 13.69 -6.89 12.01
N ALA F 38 14.64 -6.57 11.13
CA ALA F 38 14.93 -5.17 10.77
C ALA F 38 13.86 -4.61 9.84
N LYS F 39 13.43 -5.38 8.85
CA LYS F 39 12.38 -4.90 7.93
C LYS F 39 11.09 -4.63 8.70
N ALA F 40 10.74 -5.56 9.60
CA ALA F 40 9.54 -5.42 10.39
C ALA F 40 9.60 -4.13 11.21
N SER F 41 10.69 -3.94 11.94
CA SER F 41 10.89 -2.76 12.79
C SER F 41 10.92 -1.43 12.06
N ILE F 42 11.59 -1.38 10.91
CA ILE F 42 11.66 -0.15 10.12
C ILE F 42 10.24 0.24 9.74
N ARG F 43 9.45 -0.77 9.42
CA ARG F 43 8.05 -0.58 9.03
C ARG F 43 7.24 -0.01 10.21
N ARG F 44 7.29 -0.70 11.35
CA ARG F 44 6.56 -0.23 12.52
C ARG F 44 6.98 1.18 12.87
N LEU F 45 8.28 1.41 12.88
CA LEU F 45 8.83 2.72 13.20
C LEU F 45 8.27 3.86 12.36
N GLU F 46 8.31 3.70 11.04
CA GLU F 46 7.82 4.72 10.12
C GLU F 46 6.35 4.99 10.39
N GLN F 47 5.64 3.97 10.82
CA GLN F 47 4.22 4.07 11.16
C GLN F 47 4.11 4.99 12.38
N GLU F 48 4.84 4.68 13.45
CA GLU F 48 4.80 5.50 14.65
C GLU F 48 5.19 6.93 14.37
N VAL F 49 6.25 7.12 13.59
CA VAL F 49 6.70 8.47 13.28
C VAL F 49 5.58 9.26 12.61
N ASN F 50 4.96 8.67 11.59
CA ASN F 50 3.83 9.30 10.89
C ASN F 50 2.70 9.65 11.87
N GLN F 51 2.33 8.72 12.74
CA GLN F 51 1.28 8.96 13.75
C GLN F 51 1.66 10.10 14.70
N GLU F 52 2.94 10.16 15.12
CA GLU F 52 3.41 11.24 16.02
C GLU F 52 3.41 12.60 15.30
N ARG F 53 3.81 12.60 14.04
CA ARG F 53 3.81 13.83 13.24
C ARG F 53 2.36 14.29 13.06
N PHE F 54 1.44 13.35 12.97
CA PHE F 54 0.06 13.75 12.79
C PHE F 54 -0.47 14.44 14.05
N ARG F 55 -0.24 13.84 15.21
CA ARG F 55 -0.72 14.49 16.42
C ARG F 55 0.05 15.78 16.66
N MSE F 56 1.28 15.87 16.16
CA MSE F 56 2.05 17.11 16.31
C MSE F 56 1.31 18.22 15.56
O MSE F 56 1.15 19.34 16.06
CB MSE F 56 3.46 16.94 15.71
CG MSE F 56 4.32 18.20 15.83
SE MSE F 56 5.99 18.17 14.86
CE MSE F 56 7.16 17.49 16.19
N ILE F 57 0.84 17.92 14.36
CA ILE F 57 0.11 18.90 13.55
C ILE F 57 -1.21 19.31 14.18
N TYR F 58 -1.99 18.32 14.59
CA TYR F 58 -3.27 18.57 15.22
C TYR F 58 -3.08 19.43 16.47
N LEU F 59 -2.17 19.00 17.34
CA LEU F 59 -1.91 19.72 18.57
C LEU F 59 -1.48 21.14 18.30
N GLN F 60 -0.59 21.30 17.34
CA GLN F 60 -0.09 22.61 16.96
C GLN F 60 -1.24 23.46 16.38
N THR F 61 -2.27 22.80 15.88
CA THR F 61 -3.42 23.50 15.32
C THR F 61 -4.27 23.98 16.50
N LEU F 62 -4.56 23.08 17.42
CA LEU F 62 -5.35 23.41 18.62
C LEU F 62 -4.67 24.52 19.40
N LEU F 63 -3.36 24.38 19.57
CA LEU F 63 -2.57 25.35 20.30
C LEU F 63 -2.72 26.74 19.68
N ALA F 64 -2.11 26.91 18.51
CA ALA F 64 -2.14 28.18 17.78
C ALA F 64 -3.53 28.78 17.73
N LYS F 65 -3.66 29.82 16.91
CA LYS F 65 -4.91 30.54 16.70
C LYS F 65 -6.04 30.16 17.67
N GLU F 66 -6.34 28.86 17.68
CA GLU F 66 -7.38 28.25 18.48
C GLU F 66 -7.46 28.59 19.96
N LYS F 67 -6.39 29.14 20.54
CA LYS F 67 -6.45 29.48 21.97
C LYS F 67 -6.07 30.93 22.27
N MSE G 1 -14.78 25.87 7.47
CA MSE G 1 -15.14 26.22 8.87
C MSE G 1 -13.99 27.02 9.47
O MSE G 1 -12.93 27.14 8.85
CB MSE G 1 -15.35 24.96 9.67
CG MSE G 1 -16.43 25.05 10.70
SE MSE G 1 -16.72 23.26 11.25
CE MSE G 1 -17.73 22.68 9.72
N VAL G 2 -14.18 27.51 10.69
CA VAL G 2 -13.17 28.32 11.35
C VAL G 2 -12.85 29.41 10.33
N ASP G 3 -13.87 30.23 10.05
CA ASP G 3 -13.81 31.34 9.09
C ASP G 3 -12.52 31.44 8.31
N PRO G 4 -12.62 31.54 6.97
CA PRO G 4 -11.47 31.67 6.09
C PRO G 4 -10.65 32.85 6.57
N VAL G 5 -9.96 32.64 7.67
CA VAL G 5 -9.13 33.61 8.39
C VAL G 5 -9.05 32.82 9.69
N GLY G 6 -7.90 32.25 9.97
CA GLY G 6 -7.78 31.41 11.14
C GLY G 6 -7.34 30.14 10.46
N PHE G 7 -7.98 29.83 9.33
CA PHE G 7 -7.54 28.65 8.59
C PHE G 7 -6.20 29.12 8.02
N ALA G 8 -6.22 30.30 7.40
CA ALA G 8 -5.02 30.88 6.80
C ALA G 8 -4.04 31.26 7.90
N GLU G 9 -4.58 31.72 9.04
CA GLU G 9 -3.77 32.10 10.19
C GLU G 9 -3.19 30.86 10.88
N ALA G 10 -3.93 29.76 10.87
CA ALA G 10 -3.45 28.52 11.45
C ALA G 10 -2.46 27.90 10.45
N TRP G 11 -2.61 28.29 9.18
CA TRP G 11 -1.71 27.76 8.15
C TRP G 11 -0.37 28.47 8.31
N LYS G 12 -0.42 29.79 8.38
CA LYS G 12 0.80 30.59 8.54
C LYS G 12 1.44 30.39 9.91
N ALA G 13 0.67 29.82 10.85
CA ALA G 13 1.18 29.56 12.20
C ALA G 13 1.98 28.27 12.25
N GLN G 14 2.18 27.64 11.09
CA GLN G 14 2.95 26.41 11.02
C GLN G 14 3.81 26.37 9.79
N PHE G 15 3.32 27.01 8.73
CA PHE G 15 3.99 27.06 7.43
C PHE G 15 4.17 28.50 6.97
N PRO G 16 4.90 29.30 7.76
CA PRO G 16 5.19 30.72 7.49
C PRO G 16 5.64 31.10 6.09
N ASP G 17 6.16 30.13 5.34
CA ASP G 17 6.66 30.39 4.00
C ASP G 17 5.61 30.20 2.90
N SER G 18 4.82 29.13 2.99
CA SER G 18 3.80 28.83 1.99
C SER G 18 2.52 29.63 2.18
N GLU G 19 1.74 29.71 1.12
CA GLU G 19 0.48 30.43 1.11
C GLU G 19 -0.70 29.48 1.23
N PRO G 20 -1.83 29.95 1.78
CA PRO G 20 -3.03 29.15 1.96
C PRO G 20 -3.54 28.53 0.64
N PRO G 21 -3.71 27.20 0.62
CA PRO G 21 -4.17 26.40 -0.54
C PRO G 21 -5.61 26.66 -0.97
N ARG G 22 -5.83 27.75 -1.72
CA ARG G 22 -7.16 28.11 -2.19
C ARG G 22 -7.91 26.86 -2.69
N MSE G 23 -8.74 26.28 -1.83
CA MSE G 23 -9.49 25.07 -2.20
C MSE G 23 -10.93 25.32 -2.61
O MSE G 23 -11.64 26.12 -1.99
CB MSE G 23 -9.49 24.08 -1.03
CG MSE G 23 -8.16 23.50 -0.67
SE MSE G 23 -8.39 22.11 0.64
CE MSE G 23 -8.64 23.20 2.21
N GLU G 24 -11.36 24.59 -3.64
CA GLU G 24 -12.74 24.67 -4.13
C GLU G 24 -13.60 23.89 -3.15
N LEU G 25 -14.29 24.60 -2.27
CA LEU G 25 -15.14 23.94 -1.29
C LEU G 25 -16.57 24.46 -1.37
N ARG G 26 -17.24 24.15 -2.47
CA ARG G 26 -18.60 24.60 -2.66
C ARG G 26 -19.60 23.59 -2.20
N SER G 27 -19.15 22.38 -1.84
CA SER G 27 -20.10 21.36 -1.43
C SER G 27 -19.47 20.17 -0.72
N VAL G 28 -20.32 19.25 -0.28
CA VAL G 28 -19.88 18.03 0.39
C VAL G 28 -18.98 17.24 -0.54
N GLY G 29 -19.38 17.13 -1.82
CA GLY G 29 -18.57 16.44 -2.80
C GLY G 29 -17.19 17.07 -2.94
N ASP G 30 -17.11 18.40 -2.94
CA ASP G 30 -15.80 19.06 -3.03
C ASP G 30 -15.00 18.62 -1.82
N ILE G 31 -15.62 18.60 -0.65
CA ILE G 31 -14.92 18.17 0.57
C ILE G 31 -14.32 16.77 0.39
N GLU G 32 -15.17 15.79 0.09
CA GLU G 32 -14.70 14.41 -0.06
C GLU G 32 -13.67 14.25 -1.18
N GLN G 33 -13.71 15.13 -2.19
CA GLN G 33 -12.71 15.04 -3.27
C GLN G 33 -11.36 15.53 -2.76
N GLU G 34 -11.33 16.67 -2.10
CA GLU G 34 -10.06 17.20 -1.58
C GLU G 34 -9.55 16.31 -0.45
N LEU G 35 -10.48 15.66 0.25
CA LEU G 35 -10.08 14.80 1.36
C LEU G 35 -9.35 13.60 0.76
N GLU G 36 -9.85 13.14 -0.40
CA GLU G 36 -9.24 12.02 -1.10
C GLU G 36 -7.88 12.44 -1.66
N ARG G 37 -7.85 13.63 -2.29
CA ARG G 37 -6.62 14.17 -2.85
C ARG G 37 -5.51 14.16 -1.80
N ALA G 38 -5.84 14.57 -0.58
CA ALA G 38 -4.89 14.65 0.52
C ALA G 38 -4.40 13.31 1.06
N LYS G 39 -5.30 12.33 1.22
CA LYS G 39 -4.88 11.02 1.71
C LYS G 39 -3.94 10.37 0.72
N ALA G 40 -4.35 10.32 -0.54
CA ALA G 40 -3.52 9.72 -1.57
C ALA G 40 -2.19 10.44 -1.55
N SER G 41 -2.25 11.76 -1.40
CA SER G 41 -1.06 12.58 -1.37
C SER G 41 -0.20 12.30 -0.13
N ILE G 42 -0.83 12.15 1.03
CA ILE G 42 -0.04 11.86 2.23
C ILE G 42 0.68 10.52 2.11
N ARG G 43 0.01 9.51 1.56
CA ARG G 43 0.64 8.21 1.40
C ARG G 43 1.83 8.32 0.44
N ARG G 44 1.55 8.94 -0.70
CA ARG G 44 2.54 9.15 -1.75
C ARG G 44 3.84 9.74 -1.20
N LEU G 45 3.72 10.87 -0.50
CA LEU G 45 4.87 11.57 0.05
C LEU G 45 5.62 10.84 1.15
N GLU G 46 4.90 10.12 2.02
CA GLU G 46 5.54 9.40 3.12
C GLU G 46 6.53 8.37 2.61
N GLN G 47 6.20 7.73 1.50
CA GLN G 47 7.09 6.75 0.90
C GLN G 47 8.36 7.43 0.39
N GLU G 48 8.21 8.58 -0.27
CA GLU G 48 9.35 9.30 -0.83
C GLU G 48 10.26 9.74 0.28
N VAL G 49 9.66 10.06 1.43
CA VAL G 49 10.44 10.49 2.60
C VAL G 49 11.24 9.31 3.13
N ASN G 50 10.62 8.14 3.18
CA ASN G 50 11.27 6.93 3.67
C ASN G 50 12.36 6.55 2.69
N GLN G 51 12.05 6.71 1.41
CA GLN G 51 12.97 6.44 0.31
C GLN G 51 14.21 7.34 0.38
N GLU G 52 13.99 8.63 0.59
CA GLU G 52 15.09 9.57 0.67
C GLU G 52 15.93 9.39 1.94
N ARG G 53 15.28 8.99 3.02
CA ARG G 53 16.01 8.81 4.28
C ARG G 53 16.84 7.57 4.20
N PHE G 54 16.36 6.58 3.46
CA PHE G 54 17.12 5.35 3.27
C PHE G 54 18.39 5.72 2.44
N ARG G 55 18.20 6.51 1.37
CA ARG G 55 19.34 6.97 0.53
C ARG G 55 20.37 7.61 1.44
N MSE G 56 19.87 8.52 2.28
CA MSE G 56 20.72 9.24 3.25
C MSE G 56 21.62 8.32 4.04
O MSE G 56 22.84 8.48 4.05
CB MSE G 56 19.84 10.02 4.23
CG MSE G 56 19.68 11.51 3.98
SE MSE G 56 18.93 12.34 5.57
CE MSE G 56 20.57 12.79 6.45
N ILE G 57 21.01 7.37 4.77
CA ILE G 57 21.78 6.43 5.58
C ILE G 57 22.76 5.70 4.69
N TYR G 58 22.35 5.37 3.48
CA TYR G 58 23.30 4.71 2.59
C TYR G 58 24.50 5.64 2.33
N LEU G 59 24.21 6.84 1.87
CA LEU G 59 25.25 7.81 1.55
C LEU G 59 26.16 8.08 2.73
N GLN G 60 25.59 8.44 3.88
CA GLN G 60 26.46 8.70 5.01
C GLN G 60 27.25 7.48 5.44
N THR G 61 26.74 6.28 5.15
CA THR G 61 27.47 5.07 5.51
C THR G 61 28.74 5.07 4.66
N LEU G 62 28.60 5.46 3.40
CA LEU G 62 29.76 5.55 2.51
C LEU G 62 30.74 6.63 2.99
N LEU G 63 30.26 7.74 3.51
CA LEU G 63 31.15 8.80 4.00
C LEU G 63 32.08 8.27 5.10
N ALA G 64 31.67 7.17 5.75
CA ALA G 64 32.49 6.55 6.79
C ALA G 64 33.33 5.46 6.14
N LYS G 65 32.64 4.55 5.46
CA LYS G 65 33.24 3.40 4.76
C LYS G 65 34.32 3.80 3.75
N PRO H 4 26.87 -2.37 -4.22
CA PRO H 4 25.80 -1.87 -5.10
C PRO H 4 24.55 -2.76 -4.95
N VAL H 5 24.78 -4.06 -4.79
CA VAL H 5 23.69 -5.03 -4.62
C VAL H 5 23.01 -4.98 -3.25
N GLY H 6 23.80 -4.84 -2.19
CA GLY H 6 23.21 -4.77 -0.86
C GLY H 6 22.17 -3.66 -0.76
N PHE H 7 22.51 -2.48 -1.28
CA PHE H 7 21.60 -1.33 -1.26
C PHE H 7 20.42 -1.54 -2.19
N ALA H 8 20.69 -2.08 -3.36
CA ALA H 8 19.64 -2.32 -4.33
C ALA H 8 18.58 -3.28 -3.77
N GLU H 9 19.03 -4.45 -3.32
CA GLU H 9 18.10 -5.45 -2.79
C GLU H 9 17.28 -4.91 -1.62
N ALA H 10 17.96 -4.22 -0.69
CA ALA H 10 17.28 -3.66 0.49
C ALA H 10 16.32 -2.56 0.06
N TRP H 11 16.60 -1.95 -1.10
CA TRP H 11 15.72 -0.91 -1.61
C TRP H 11 14.47 -1.56 -2.18
N LYS H 12 14.65 -2.58 -3.01
CA LYS H 12 13.48 -3.27 -3.59
C LYS H 12 12.61 -3.93 -2.52
N ALA H 13 13.24 -4.49 -1.48
CA ALA H 13 12.50 -5.13 -0.40
C ALA H 13 11.62 -4.13 0.29
N GLN H 14 12.08 -2.88 0.31
CA GLN H 14 11.35 -1.81 0.96
C GLN H 14 10.36 -1.09 0.05
N PHE H 15 10.78 -0.85 -1.18
CA PHE H 15 9.97 -0.12 -2.14
C PHE H 15 9.73 -0.95 -3.39
N PRO H 16 8.73 -1.84 -3.32
CA PRO H 16 8.35 -2.72 -4.42
C PRO H 16 7.91 -1.96 -5.67
N ASP H 17 7.56 -0.69 -5.50
CA ASP H 17 7.09 0.15 -6.60
C ASP H 17 8.17 1.01 -7.23
N SER H 18 9.25 1.26 -6.51
CA SER H 18 10.31 2.12 -7.02
C SER H 18 11.52 1.44 -7.64
N GLU H 19 12.34 2.24 -8.31
CA GLU H 19 13.55 1.79 -8.98
C GLU H 19 14.77 2.27 -8.20
N PRO H 20 15.71 1.36 -7.89
CA PRO H 20 16.92 1.75 -7.14
C PRO H 20 17.58 2.98 -7.76
N PRO H 21 17.77 4.05 -6.97
CA PRO H 21 18.40 5.28 -7.44
C PRO H 21 19.76 5.11 -8.09
N ARG H 22 19.93 5.73 -9.25
CA ARG H 22 21.19 5.66 -10.00
C ARG H 22 22.00 6.93 -9.69
N MSE H 23 22.97 6.77 -8.80
CA MSE H 23 23.82 7.88 -8.39
C MSE H 23 25.28 7.59 -8.69
O MSE H 23 25.75 6.47 -8.52
CB MSE H 23 23.68 8.12 -6.89
CG MSE H 23 22.24 8.33 -6.38
SE MSE H 23 22.12 8.41 -4.44
CE MSE H 23 22.48 6.51 -4.05
N GLU H 24 25.99 8.62 -9.13
CA GLU H 24 27.42 8.49 -9.40
C GLU H 24 28.09 8.86 -8.09
N LEU H 25 28.72 7.87 -7.46
CA LEU H 25 29.40 8.08 -6.18
C LEU H 25 30.88 7.71 -6.31
N ARG H 26 31.61 8.43 -7.15
CA ARG H 26 33.02 8.13 -7.31
C ARG H 26 33.89 8.91 -6.34
N SER H 27 33.47 10.12 -6.00
CA SER H 27 34.24 10.95 -5.09
C SER H 27 33.46 11.33 -3.83
N VAL H 28 34.18 11.83 -2.83
CA VAL H 28 33.54 12.27 -1.61
C VAL H 28 32.62 13.41 -1.98
N GLY H 29 33.11 14.32 -2.84
CA GLY H 29 32.30 15.43 -3.30
C GLY H 29 30.96 14.99 -3.89
N ASP H 30 30.97 13.85 -4.56
CA ASP H 30 29.76 13.27 -5.17
C ASP H 30 28.80 12.79 -4.09
N ILE H 31 29.34 11.98 -3.17
CA ILE H 31 28.55 11.44 -2.08
C ILE H 31 27.96 12.57 -1.27
N GLU H 32 28.77 13.52 -0.84
CA GLU H 32 28.24 14.63 -0.07
C GLU H 32 27.15 15.43 -0.82
N GLN H 33 27.27 15.56 -2.14
CA GLN H 33 26.22 16.28 -2.85
C GLN H 33 24.91 15.51 -2.89
N GLU H 34 25.00 14.19 -3.01
CA GLU H 34 23.78 13.39 -3.04
C GLU H 34 23.13 13.44 -1.65
N LEU H 35 23.97 13.51 -0.61
CA LEU H 35 23.49 13.58 0.79
C LEU H 35 22.82 14.93 1.06
N GLU H 36 23.44 16.02 0.60
CA GLU H 36 22.84 17.36 0.78
C GLU H 36 21.49 17.40 0.05
N ARG H 37 21.48 16.81 -1.15
CA ARG H 37 20.25 16.79 -1.95
C ARG H 37 19.17 15.93 -1.29
N ALA H 38 19.60 14.87 -0.61
CA ALA H 38 18.66 13.99 0.08
C ALA H 38 18.06 14.74 1.26
N LYS H 39 18.91 15.40 2.05
CA LYS H 39 18.42 16.15 3.22
C LYS H 39 17.47 17.26 2.79
N ALA H 40 17.78 17.89 1.66
CA ALA H 40 16.94 18.96 1.15
C ALA H 40 15.57 18.43 0.71
N SER H 41 15.55 17.26 0.08
CA SER H 41 14.28 16.68 -0.38
C SER H 41 13.43 16.24 0.82
N ILE H 42 14.08 15.92 1.94
CA ILE H 42 13.33 15.51 3.13
C ILE H 42 12.69 16.69 3.84
N ARG H 43 13.36 17.83 3.88
CA ARG H 43 12.77 19.01 4.53
C ARG H 43 11.56 19.49 3.72
N ARG H 44 11.66 19.39 2.40
CA ARG H 44 10.58 19.81 1.52
C ARG H 44 9.45 18.80 1.59
N LEU H 45 9.81 17.52 1.59
CA LEU H 45 8.81 16.46 1.66
C LEU H 45 8.02 16.47 2.96
N GLU H 46 8.70 16.75 4.06
CA GLU H 46 8.05 16.77 5.36
C GLU H 46 7.21 18.03 5.51
N GLN H 47 7.53 19.08 4.75
CA GLN H 47 6.77 20.32 4.79
C GLN H 47 5.48 20.10 4.00
N GLU H 48 5.58 19.40 2.88
CA GLU H 48 4.44 19.10 2.04
C GLU H 48 3.50 18.11 2.72
N VAL H 49 4.06 17.08 3.36
CA VAL H 49 3.22 16.10 4.05
C VAL H 49 2.51 16.76 5.23
N ASN H 50 3.22 17.64 5.92
CA ASN H 50 2.67 18.37 7.07
C ASN H 50 1.54 19.30 6.64
N GLN H 51 1.62 19.83 5.41
CA GLN H 51 0.58 20.70 4.88
C GLN H 51 -0.64 19.85 4.50
N GLU H 52 -0.41 18.66 3.96
CA GLU H 52 -1.52 17.77 3.62
C GLU H 52 -2.25 17.24 4.87
N ARG H 53 -1.51 17.00 5.95
CA ARG H 53 -2.16 16.57 7.20
C ARG H 53 -3.00 17.74 7.71
N PHE H 54 -2.46 18.95 7.68
CA PHE H 54 -3.22 20.12 8.14
C PHE H 54 -4.54 20.18 7.36
N ARG H 55 -4.44 20.09 6.04
CA ARG H 55 -5.62 20.14 5.19
C ARG H 55 -6.61 19.04 5.52
N MSE H 56 -6.11 17.83 5.73
CA MSE H 56 -6.96 16.71 6.07
C MSE H 56 -7.72 16.95 7.36
O MSE H 56 -8.87 16.55 7.49
CB MSE H 56 -6.12 15.43 6.18
CG MSE H 56 -6.92 14.23 6.63
SE MSE H 56 -6.02 12.63 6.07
CE MSE H 56 -5.76 13.14 4.24
N ILE H 57 -7.06 17.56 8.33
CA ILE H 57 -7.71 17.87 9.61
C ILE H 57 -8.83 18.88 9.38
N TYR H 58 -8.50 19.95 8.67
CA TYR H 58 -9.48 20.99 8.37
C TYR H 58 -10.66 20.43 7.59
N LEU H 59 -10.36 19.60 6.58
CA LEU H 59 -11.39 18.99 5.74
C LEU H 59 -12.23 17.95 6.49
N GLN H 60 -11.62 17.08 7.27
CA GLN H 60 -12.39 16.08 8.00
C GLN H 60 -13.33 16.82 8.97
N THR H 61 -12.88 18.01 9.38
CA THR H 61 -13.60 18.89 10.28
C THR H 61 -14.81 19.49 9.56
N LEU H 62 -14.60 19.91 8.31
CA LEU H 62 -15.67 20.49 7.48
C LEU H 62 -16.67 19.41 7.11
N LEU H 63 -16.18 18.23 6.73
CA LEU H 63 -17.07 17.14 6.36
C LEU H 63 -18.02 16.99 7.53
N ALA H 64 -17.46 16.75 8.71
CA ALA H 64 -18.20 16.56 9.95
C ALA H 64 -19.46 17.41 10.11
N LYS H 65 -19.36 18.73 10.08
CA LYS H 65 -20.54 19.52 10.23
C LYS H 65 -21.35 19.47 8.92
N GLU H 66 -21.54 18.19 8.57
CA GLU H 66 -22.23 17.61 7.42
C GLU H 66 -21.39 17.16 6.16
#